data_3BCW
#
_entry.id   3BCW
#
_cell.length_a   48.010
_cell.length_b   57.000
_cell.length_c   101.230
_cell.angle_alpha   90.000
_cell.angle_beta   90.000
_cell.angle_gamma   90.000
#
_symmetry.space_group_name_H-M   'P 21 21 21'
#
loop_
_entity.id
_entity.type
_entity.pdbx_description
1 polymer 'Uncharacterized protein'
2 non-polymer 'ACETATE ION'
3 non-polymer 1,2-ETHANEDIOL
4 non-polymer DI(HYDROXYETHYL)ETHER
5 water water
#
_entity_poly.entity_id   1
_entity_poly.type   'polypeptide(L)'
_entity_poly.pdbx_seq_one_letter_code
;G(MSE)PQHDKSRLVRIDTGP(MSE)INPVAGKPSRPIAGDASFRTVTAFEGGQGKVESGVWESTSGSFQSNTTGYIEYC
HIIEGEARLVDPDGTVHAVKAGDAFI(MSE)PEGYTGRWEVDRHVKKIYFVTHLA
;
_entity_poly.pdbx_strand_id   A,B
#
loop_
_chem_comp.id
_chem_comp.type
_chem_comp.name
_chem_comp.formula
ACT non-polymer 'ACETATE ION' 'C2 H3 O2 -1'
EDO non-polymer 1,2-ETHANEDIOL 'C2 H6 O2'
PEG non-polymer DI(HYDROXYETHYL)ETHER 'C4 H10 O3'
#
# COMPACT_ATOMS: atom_id res chain seq x y z
N HIS A 5 -9.07 10.49 -11.57
CA HIS A 5 -7.65 10.35 -12.01
C HIS A 5 -7.58 10.01 -13.52
N ASP A 6 -6.40 10.19 -14.13
CA ASP A 6 -6.16 9.88 -15.55
C ASP A 6 -5.00 8.87 -15.67
N LYS A 7 -5.11 7.95 -16.64
CA LYS A 7 -4.13 6.87 -16.85
C LYS A 7 -2.69 7.32 -17.02
N SER A 8 -2.48 8.54 -17.50
CA SER A 8 -1.16 9.10 -17.76
C SER A 8 -0.63 10.10 -16.71
N ARG A 9 -1.31 10.21 -15.58
CA ARG A 9 -0.83 11.05 -14.48
C ARG A 9 -0.67 10.20 -13.21
N LEU A 10 0.55 10.18 -12.66
CA LEU A 10 0.81 9.51 -11.37
C LEU A 10 -0.11 10.10 -10.29
N VAL A 11 -0.63 9.22 -9.42
CA VAL A 11 -1.49 9.61 -8.29
C VAL A 11 -0.65 9.51 -7.03
N ARG A 12 -0.35 10.64 -6.40
CA ARG A 12 0.44 10.60 -5.16
C ARG A 12 -0.52 10.62 -3.99
N ILE A 13 -0.19 9.89 -2.94
CA ILE A 13 -1.03 9.88 -1.76
CA ILE A 13 -1.00 9.83 -1.72
C ILE A 13 -0.49 10.95 -0.84
N ASP A 14 -1.31 11.96 -0.57
CA ASP A 14 -0.92 13.08 0.27
C ASP A 14 -1.07 12.67 1.73
N THR A 15 0.08 12.59 2.41
CA THR A 15 0.15 12.28 3.84
C THR A 15 0.26 13.60 4.67
N GLY A 16 0.07 14.75 4.03
CA GLY A 16 0.05 16.02 4.75
C GLY A 16 -1.32 16.20 5.40
N PRO A 17 -1.60 17.41 5.87
CA PRO A 17 -2.88 17.73 6.55
C PRO A 17 -4.09 17.29 5.72
N MSE A 18 -5.00 16.58 6.38
CA MSE A 18 -6.19 16.05 5.68
C MSE A 18 -7.09 17.15 5.07
O MSE A 18 -7.47 18.09 5.77
CB MSE A 18 -6.95 15.11 6.63
CG MSE A 18 -6.19 13.82 6.90
SE MSE A 18 -7.28 12.57 8.01
CE MSE A 18 -7.14 13.45 9.73
N ILE A 19 -7.41 17.03 3.79
CA ILE A 19 -8.27 18.00 3.12
CA ILE A 19 -8.25 17.97 3.04
C ILE A 19 -9.68 17.42 3.09
N ASN A 20 -10.60 18.14 3.76
CA ASN A 20 -12.03 17.79 3.80
CA ASN A 20 -12.01 17.81 3.83
C ASN A 20 -12.24 16.35 4.30
N PRO A 21 -11.67 15.98 5.46
CA PRO A 21 -11.85 14.60 5.87
C PRO A 21 -13.30 14.24 6.18
N VAL A 22 -13.66 12.98 5.96
CA VAL A 22 -14.99 12.47 6.26
C VAL A 22 -14.96 11.85 7.65
N ALA A 23 -15.92 12.24 8.49
CA ALA A 23 -16.02 11.74 9.83
C ALA A 23 -16.72 10.38 9.82
N GLY A 24 -16.23 9.47 10.64
CA GLY A 24 -16.85 8.15 10.83
C GLY A 24 -16.56 7.57 12.22
N LYS A 25 -17.22 6.43 12.49
CA LYS A 25 -17.13 5.72 13.75
CA LYS A 25 -17.02 5.71 13.72
C LYS A 25 -17.08 4.22 13.43
N PRO A 26 -16.37 3.42 14.25
CA PRO A 26 -16.39 2.01 13.96
C PRO A 26 -17.81 1.42 14.06
N SER A 27 -18.12 0.49 13.15
CA SER A 27 -19.42 -0.18 13.19
C SER A 27 -19.45 -1.31 14.22
N ARG A 28 -18.29 -1.74 14.72
CA ARG A 28 -18.17 -2.84 15.68
C ARG A 28 -17.33 -2.37 16.88
N PRO A 29 -17.83 -1.36 17.60
CA PRO A 29 -17.06 -0.85 18.76
C PRO A 29 -16.97 -1.88 19.89
N ILE A 30 -15.82 -1.85 20.57
CA ILE A 30 -15.60 -2.72 21.72
C ILE A 30 -15.58 -1.84 22.96
N ALA A 31 -14.56 -1.02 23.05
CA ALA A 31 -14.40 -0.10 24.19
C ALA A 31 -13.85 1.23 23.74
N GLY A 32 -14.08 2.24 24.57
CA GLY A 32 -13.63 3.57 24.30
C GLY A 32 -14.56 4.24 23.29
N ASP A 33 -14.16 5.39 22.82
CA ASP A 33 -15.03 6.15 21.90
C ASP A 33 -14.29 6.58 20.66
N ALA A 34 -13.54 5.64 20.08
CA ALA A 34 -12.75 5.86 18.87
C ALA A 34 -13.61 6.48 17.78
N SER A 35 -13.03 7.49 17.12
CA SER A 35 -13.67 8.09 15.98
C SER A 35 -12.66 8.26 14.89
N PHE A 36 -13.16 8.21 13.66
CA PHE A 36 -12.36 8.16 12.48
C PHE A 36 -12.45 9.42 11.61
N ARG A 37 -11.35 9.65 10.89
CA ARG A 37 -11.29 10.65 9.81
C ARG A 37 -10.64 9.97 8.63
N THR A 38 -11.25 10.10 7.46
CA THR A 38 -10.76 9.48 6.25
CA THR A 38 -10.75 9.51 6.24
C THR A 38 -10.69 10.49 5.10
N VAL A 39 -9.67 10.35 4.26
CA VAL A 39 -9.58 11.12 3.00
C VAL A 39 -9.26 10.10 1.90
N THR A 40 -10.10 10.04 0.87
CA THR A 40 -9.86 9.18 -0.27
C THR A 40 -8.87 9.83 -1.22
N ALA A 41 -7.83 9.10 -1.60
CA ALA A 41 -6.82 9.54 -2.57
C ALA A 41 -7.05 9.02 -4.00
N PHE A 42 -7.70 7.88 -4.12
CA PHE A 42 -7.84 7.18 -5.38
C PHE A 42 -9.03 6.24 -5.39
N GLU A 43 -9.71 6.20 -6.52
CA GLU A 43 -10.84 5.29 -6.76
C GLU A 43 -10.65 4.76 -8.17
N GLY A 44 -10.64 3.44 -8.32
CA GLY A 44 -10.53 2.84 -9.66
C GLY A 44 -11.18 1.47 -9.75
N GLY A 45 -10.94 0.79 -10.87
CA GLY A 45 -11.51 -0.55 -11.12
C GLY A 45 -13.02 -0.61 -11.01
N GLN A 46 -13.67 0.43 -11.54
CA GLN A 46 -15.13 0.60 -11.50
CA GLN A 46 -15.13 0.54 -11.53
C GLN A 46 -15.72 0.29 -10.14
N GLY A 47 -15.23 1.04 -9.16
CA GLY A 47 -15.71 0.96 -7.77
C GLY A 47 -15.10 -0.09 -6.86
N LYS A 48 -14.24 -0.95 -7.41
CA LYS A 48 -13.70 -2.07 -6.66
C LYS A 48 -12.38 -1.78 -5.94
N VAL A 49 -11.70 -0.69 -6.31
CA VAL A 49 -10.42 -0.32 -5.71
C VAL A 49 -10.48 1.09 -5.12
N GLU A 50 -10.04 1.25 -3.86
CA GLU A 50 -10.00 2.54 -3.19
CA GLU A 50 -9.99 2.56 -3.19
C GLU A 50 -8.73 2.65 -2.34
N SER A 51 -8.15 3.85 -2.25
CA SER A 51 -6.97 4.10 -1.45
C SER A 51 -7.07 5.47 -0.84
N GLY A 52 -6.44 5.64 0.32
CA GLY A 52 -6.44 6.95 0.98
C GLY A 52 -5.77 6.88 2.34
N VAL A 53 -6.12 7.85 3.20
CA VAL A 53 -5.56 7.96 4.55
CA VAL A 53 -5.57 7.88 4.55
C VAL A 53 -6.70 7.84 5.57
N TRP A 54 -6.43 7.19 6.69
CA TRP A 54 -7.41 7.00 7.77
C TRP A 54 -6.72 7.22 9.08
N GLU A 55 -7.47 7.81 9.99
CA GLU A 55 -7.01 8.14 11.34
CA GLU A 55 -6.97 7.97 11.34
C GLU A 55 -8.02 7.62 12.36
N SER A 56 -7.56 7.12 13.49
CA SER A 56 -8.43 6.79 14.60
C SER A 56 -7.86 7.33 15.92
N THR A 57 -8.77 7.81 16.77
CA THR A 57 -8.43 8.18 18.13
C THR A 57 -8.48 6.86 18.96
N SER A 58 -8.33 7.00 20.27
CA SER A 58 -8.21 5.82 21.13
C SER A 58 -9.51 5.04 21.26
N GLY A 59 -9.34 3.74 21.36
CA GLY A 59 -10.44 2.82 21.54
C GLY A 59 -10.11 1.49 20.91
N SER A 60 -11.08 0.59 20.98
CA SER A 60 -10.96 -0.74 20.39
C SER A 60 -12.22 -1.06 19.58
N PHE A 61 -12.02 -1.82 18.51
CA PHE A 61 -13.13 -2.14 17.59
C PHE A 61 -12.75 -3.28 16.69
N GLN A 62 -13.75 -4.00 16.21
CA GLN A 62 -13.53 -5.20 15.43
C GLN A 62 -13.59 -4.92 13.91
N SER A 63 -12.68 -5.57 13.18
CA SER A 63 -12.67 -5.56 11.73
C SER A 63 -13.53 -6.70 11.18
N ASN A 64 -14.00 -6.54 9.94
CA ASN A 64 -14.60 -7.66 9.19
C ASN A 64 -14.34 -7.35 7.72
N THR A 65 -13.31 -7.96 7.15
CA THR A 65 -12.98 -7.67 5.74
C THR A 65 -13.58 -8.71 4.77
N THR A 66 -14.73 -9.28 5.12
CA THR A 66 -15.41 -10.19 4.24
C THR A 66 -15.69 -9.42 2.95
N GLY A 67 -15.25 -9.99 1.83
CA GLY A 67 -15.47 -9.44 0.50
C GLY A 67 -14.32 -8.63 -0.07
N TYR A 68 -13.27 -8.37 0.71
CA TYR A 68 -12.16 -7.54 0.22
C TYR A 68 -10.83 -7.83 0.90
N ILE A 69 -9.75 -7.37 0.27
CA ILE A 69 -8.38 -7.46 0.82
C ILE A 69 -7.96 -6.01 1.07
N GLU A 70 -7.40 -5.76 2.25
CA GLU A 70 -6.92 -4.44 2.59
C GLU A 70 -5.46 -4.41 3.01
N TYR A 71 -4.70 -3.57 2.31
CA TYR A 71 -3.30 -3.24 2.69
C TYR A 71 -3.35 -2.03 3.62
N CYS A 72 -2.55 -2.05 4.69
CA CYS A 72 -2.41 -0.96 5.62
C CYS A 72 -0.95 -0.63 5.81
N HIS A 73 -0.62 0.67 5.91
CA HIS A 73 0.73 1.12 6.14
C HIS A 73 0.63 2.19 7.25
N ILE A 74 1.10 1.86 8.45
CA ILE A 74 1.03 2.80 9.54
C ILE A 74 2.03 3.93 9.26
N ILE A 75 1.51 5.16 9.30
CA ILE A 75 2.27 6.40 9.05
C ILE A 75 2.50 7.29 10.26
N GLU A 76 1.69 7.13 11.31
CA GLU A 76 1.83 7.91 12.50
C GLU A 76 1.17 7.17 13.66
N GLY A 77 1.76 7.29 14.84
CA GLY A 77 1.22 6.63 16.01
C GLY A 77 1.40 5.09 16.02
N GLU A 78 0.49 4.40 16.72
CA GLU A 78 0.63 2.97 16.94
C GLU A 78 -0.69 2.33 17.31
N ALA A 79 -0.75 1.03 17.12
CA ALA A 79 -1.92 0.23 17.49
C ALA A 79 -1.49 -1.22 17.66
N ARG A 80 -2.43 -2.02 18.14
CA ARG A 80 -2.30 -3.47 18.13
C ARG A 80 -3.44 -4.04 17.30
N LEU A 81 -3.11 -5.05 16.50
N LEU A 81 -3.13 -5.05 16.49
CA LEU A 81 -4.09 -5.86 15.79
CA LEU A 81 -4.15 -5.85 15.80
C LEU A 81 -4.05 -7.17 16.58
C LEU A 81 -4.08 -7.25 16.43
N VAL A 82 -5.21 -7.70 16.95
CA VAL A 82 -5.29 -8.97 17.70
C VAL A 82 -6.16 -9.92 16.86
N ASP A 83 -5.52 -10.95 16.36
CA ASP A 83 -6.19 -11.94 15.53
C ASP A 83 -7.23 -12.71 16.38
N PRO A 84 -8.24 -13.32 15.72
CA PRO A 84 -9.25 -14.12 16.46
C PRO A 84 -8.69 -15.11 17.48
N ASP A 85 -7.55 -15.76 17.18
CA ASP A 85 -6.94 -16.68 18.15
C ASP A 85 -6.16 -16.04 19.32
N GLY A 86 -6.09 -14.70 19.34
CA GLY A 86 -5.41 -13.93 20.38
C GLY A 86 -4.02 -13.46 20.05
N THR A 87 -3.50 -13.82 18.87
CA THR A 87 -2.14 -13.45 18.43
C THR A 87 -2.09 -11.93 18.31
N VAL A 88 -1.17 -11.31 19.04
CA VAL A 88 -1.05 -9.85 19.06
C VAL A 88 0.05 -9.38 18.11
N HIS A 89 -0.32 -8.41 17.27
CA HIS A 89 0.58 -7.77 16.36
C HIS A 89 0.70 -6.28 16.75
N ALA A 90 1.85 -5.88 17.26
CA ALA A 90 2.10 -4.46 17.62
C ALA A 90 2.53 -3.76 16.35
N VAL A 91 1.80 -2.72 15.91
CA VAL A 91 2.14 -1.99 14.69
C VAL A 91 2.39 -0.51 15.02
N LYS A 92 3.40 0.06 14.36
CA LYS A 92 3.83 1.44 14.58
C LYS A 92 4.27 2.02 13.25
N ALA A 93 4.55 3.31 13.23
CA ALA A 93 4.94 4.02 12.01
C ALA A 93 6.01 3.26 11.22
N GLY A 94 5.72 3.06 9.93
CA GLY A 94 6.55 2.32 9.02
C GLY A 94 6.17 0.87 8.77
N ASP A 95 5.30 0.32 9.62
CA ASP A 95 4.87 -1.05 9.48
C ASP A 95 3.78 -1.20 8.42
N ALA A 96 3.94 -2.21 7.56
CA ALA A 96 2.98 -2.54 6.51
C ALA A 96 2.42 -3.95 6.76
N PHE A 97 1.13 -4.11 6.51
CA PHE A 97 0.47 -5.41 6.69
C PHE A 97 -0.77 -5.48 5.83
N ILE A 98 -1.25 -6.70 5.68
CA ILE A 98 -2.44 -6.95 4.92
C ILE A 98 -3.44 -7.74 5.76
N MSE A 99 -4.68 -7.29 5.74
CA MSE A 99 -5.80 -8.01 6.29
C MSE A 99 -6.35 -8.85 5.13
O MSE A 99 -6.85 -8.29 4.15
CB MSE A 99 -6.86 -7.02 6.83
CG MSE A 99 -6.43 -6.34 8.10
SE MSE A 99 -7.79 -5.26 9.00
CE MSE A 99 -8.03 -3.90 7.65
N PRO A 100 -6.21 -10.19 5.22
CA PRO A 100 -6.73 -11.01 4.13
C PRO A 100 -8.26 -10.96 4.09
N GLU A 101 -8.87 -11.48 3.02
CA GLU A 101 -10.29 -11.51 2.91
C GLU A 101 -10.87 -12.32 4.08
N GLY A 102 -11.94 -11.79 4.68
CA GLY A 102 -12.63 -12.47 5.79
C GLY A 102 -11.91 -12.39 7.14
N TYR A 103 -11.04 -11.39 7.28
CA TYR A 103 -10.28 -11.18 8.51
C TYR A 103 -11.22 -10.54 9.52
N THR A 104 -11.26 -11.09 10.74
CA THR A 104 -12.16 -10.57 11.80
C THR A 104 -11.46 -10.26 13.15
N GLY A 105 -10.20 -9.88 13.09
CA GLY A 105 -9.45 -9.49 14.27
C GLY A 105 -9.90 -8.10 14.73
N ARG A 106 -9.30 -7.60 15.80
CA ARG A 106 -9.67 -6.30 16.33
C ARG A 106 -8.49 -5.37 16.42
N TRP A 107 -8.80 -4.08 16.40
CA TRP A 107 -7.86 -3.01 16.59
C TRP A 107 -7.93 -2.51 18.04
N GLU A 108 -6.77 -2.27 18.65
CA GLU A 108 -6.67 -1.65 19.96
C GLU A 108 -5.75 -0.44 19.76
N VAL A 109 -6.31 0.75 19.94
CA VAL A 109 -5.63 2.05 19.73
C VAL A 109 -5.52 2.73 21.10
N ASP A 110 -4.33 2.69 21.72
CA ASP A 110 -4.15 3.30 23.04
C ASP A 110 -4.25 4.83 23.04
N ARG A 111 -3.79 5.43 21.95
CA ARG A 111 -3.70 6.87 21.85
C ARG A 111 -4.20 7.44 20.53
N HIS A 112 -3.52 7.12 19.44
CA HIS A 112 -3.78 7.72 18.14
CA HIS A 112 -3.84 7.67 18.13
C HIS A 112 -3.01 6.96 17.08
N VAL A 113 -3.62 6.76 15.90
CA VAL A 113 -2.95 6.07 14.80
C VAL A 113 -3.46 6.60 13.47
N LYS A 114 -2.58 6.60 12.47
CA LYS A 114 -2.90 7.01 11.10
C LYS A 114 -2.26 5.98 10.18
N LYS A 115 -2.98 5.67 9.11
CA LYS A 115 -2.47 4.71 8.11
C LYS A 115 -2.85 5.16 6.73
N ILE A 116 -2.08 4.65 5.78
CA ILE A 116 -2.50 4.65 4.38
C ILE A 116 -3.21 3.29 4.20
N TYR A 117 -4.35 3.28 3.51
CA TYR A 117 -5.04 2.03 3.18
C TYR A 117 -5.14 1.88 1.65
N PHE A 118 -5.20 0.63 1.20
CA PHE A 118 -5.44 0.26 -0.20
C PHE A 118 -6.33 -0.98 -0.14
N VAL A 119 -7.57 -0.80 -0.63
CA VAL A 119 -8.60 -1.81 -0.58
C VAL A 119 -8.97 -2.27 -1.98
N THR A 120 -9.08 -3.59 -2.15
CA THR A 120 -9.51 -4.24 -3.41
CA THR A 120 -9.53 -4.18 -3.41
C THR A 120 -10.68 -5.16 -3.11
N HIS A 121 -11.86 -4.83 -3.67
CA HIS A 121 -13.08 -5.64 -3.46
C HIS A 121 -13.05 -6.81 -4.40
N LEU A 122 -13.45 -7.98 -3.89
CA LEU A 122 -13.43 -9.21 -4.65
C LEU A 122 -14.83 -9.50 -5.13
N GLN B 4 1.69 -18.76 1.24
CA GLN B 4 0.25 -19.03 1.60
C GLN B 4 -0.18 -18.23 2.86
N HIS B 5 -1.48 -17.98 2.99
CA HIS B 5 -2.03 -17.23 4.14
C HIS B 5 -3.35 -17.86 4.58
N ASP B 6 -3.83 -17.44 5.76
CA ASP B 6 -5.12 -17.88 6.33
C ASP B 6 -5.92 -16.61 6.67
N LYS B 7 -7.24 -16.66 6.48
CA LYS B 7 -8.10 -15.50 6.72
C LYS B 7 -8.02 -14.92 8.14
N SER B 8 -7.69 -15.73 9.15
CA SER B 8 -7.66 -15.22 10.54
C SER B 8 -6.24 -14.89 11.09
N ARG B 9 -5.26 -14.78 10.19
CA ARG B 9 -3.90 -14.44 10.57
C ARG B 9 -3.47 -13.20 9.75
N LEU B 10 -3.17 -12.13 10.48
CA LEU B 10 -2.63 -10.92 9.87
C LEU B 10 -1.33 -11.25 9.09
N VAL B 11 -1.19 -10.67 7.91
CA VAL B 11 -0.03 -10.88 7.08
C VAL B 11 0.84 -9.63 7.13
N ARG B 12 2.01 -9.73 7.76
CA ARG B 12 2.93 -8.59 7.90
C ARG B 12 3.93 -8.64 6.77
N ILE B 13 4.23 -7.49 6.18
CA ILE B 13 5.17 -7.42 5.07
CA ILE B 13 5.18 -7.37 5.07
C ILE B 13 6.57 -7.21 5.66
N ASP B 14 7.45 -8.18 5.44
CA ASP B 14 8.82 -8.10 5.93
C ASP B 14 9.61 -7.12 5.06
N THR B 15 10.00 -6.00 5.65
CA THR B 15 10.83 -5.01 4.95
C THR B 15 12.35 -5.15 5.35
N GLY B 16 12.72 -6.27 5.96
CA GLY B 16 14.09 -6.58 6.29
C GLY B 16 14.81 -7.15 5.07
N PRO B 17 15.96 -7.78 5.30
CA PRO B 17 16.77 -8.33 4.19
C PRO B 17 15.97 -9.26 3.28
N MSE B 18 16.15 -9.09 1.97
CA MSE B 18 15.40 -9.90 1.00
C MSE B 18 15.82 -11.36 1.10
O MSE B 18 17.00 -11.66 0.96
CB MSE B 18 15.58 -9.37 -0.40
CG MSE B 18 15.09 -7.95 -0.55
SE MSE B 18 15.08 -7.43 -2.40
CE MSE B 18 13.38 -8.16 -2.85
N ILE B 19 14.83 -12.23 1.33
CA ILE B 19 15.06 -13.66 1.45
CA ILE B 19 15.02 -13.66 1.47
C ILE B 19 14.68 -14.34 0.14
N ASN B 20 15.67 -14.97 -0.48
CA ASN B 20 15.57 -15.71 -1.74
C ASN B 20 14.90 -14.87 -2.84
N PRO B 21 15.45 -13.66 -3.09
CA PRO B 21 14.73 -12.87 -4.09
C PRO B 21 14.83 -13.40 -5.50
N VAL B 22 13.83 -13.07 -6.30
CA VAL B 22 13.83 -13.46 -7.70
C VAL B 22 14.44 -12.32 -8.51
N ALA B 23 15.40 -12.64 -9.40
CA ALA B 23 16.04 -11.65 -10.24
C ALA B 23 15.15 -11.30 -11.42
N GLY B 24 15.22 -10.05 -11.84
CA GLY B 24 14.44 -9.60 -12.99
C GLY B 24 15.13 -8.43 -13.67
N LYS B 25 14.60 -8.07 -14.83
CA LYS B 25 15.12 -6.97 -15.65
CA LYS B 25 15.11 -6.93 -15.58
C LYS B 25 13.93 -6.19 -16.22
N PRO B 26 14.13 -4.89 -16.54
CA PRO B 26 13.00 -4.17 -17.17
C PRO B 26 12.60 -4.74 -18.53
N SER B 27 11.29 -4.72 -18.80
CA SER B 27 10.73 -5.07 -20.10
C SER B 27 11.07 -4.02 -21.17
N ARG B 28 11.16 -2.76 -20.75
CA ARG B 28 11.44 -1.62 -21.62
C ARG B 28 12.58 -0.79 -21.06
N PRO B 29 13.81 -1.35 -21.10
CA PRO B 29 14.93 -0.58 -20.60
C PRO B 29 15.17 0.69 -21.44
N ILE B 30 15.63 1.75 -20.80
CA ILE B 30 15.98 3.00 -21.48
C ILE B 30 17.50 3.20 -21.46
N ALA B 31 18.09 3.19 -20.27
CA ALA B 31 19.51 3.34 -20.09
C ALA B 31 20.00 2.75 -18.76
N GLY B 32 21.30 2.43 -18.69
CA GLY B 32 21.91 2.00 -17.42
C GLY B 32 21.82 0.57 -16.90
N ASP B 33 21.19 -0.34 -17.63
CA ASP B 33 21.09 -1.74 -17.20
C ASP B 33 20.59 -1.94 -15.75
N ALA B 34 19.47 -1.31 -15.44
CA ALA B 34 18.79 -1.52 -14.16
C ALA B 34 18.52 -3.02 -13.97
N SER B 35 18.76 -3.51 -12.76
CA SER B 35 18.59 -4.89 -12.36
C SER B 35 17.64 -4.95 -11.17
N PHE B 36 16.63 -5.84 -11.25
CA PHE B 36 15.59 -5.93 -10.20
C PHE B 36 15.74 -7.18 -9.31
N ARG B 37 15.28 -7.06 -8.07
CA ARG B 37 15.08 -8.20 -7.14
C ARG B 37 13.67 -8.05 -6.53
N THR B 38 12.93 -9.15 -6.47
CA THR B 38 11.56 -9.14 -5.92
C THR B 38 11.39 -10.28 -4.91
N VAL B 39 10.70 -9.98 -3.82
CA VAL B 39 10.25 -11.00 -2.86
C VAL B 39 8.72 -10.81 -2.70
N THR B 40 7.96 -11.85 -3.05
CA THR B 40 6.50 -11.87 -2.88
C THR B 40 6.13 -12.15 -1.42
N ALA B 41 5.29 -11.29 -0.85
CA ALA B 41 4.80 -11.38 0.53
C ALA B 41 3.41 -11.96 0.67
N PHE B 42 2.62 -11.81 -0.41
CA PHE B 42 1.20 -12.15 -0.37
C PHE B 42 0.61 -12.33 -1.77
N GLU B 43 -0.25 -13.33 -1.89
CA GLU B 43 -1.00 -13.62 -3.11
CA GLU B 43 -1.02 -13.55 -3.10
C GLU B 43 -2.44 -13.90 -2.67
N GLY B 44 -3.43 -13.22 -3.26
CA GLY B 44 -4.83 -13.43 -2.93
C GLY B 44 -5.75 -13.15 -4.09
N GLY B 45 -7.04 -13.36 -3.84
CA GLY B 45 -8.09 -13.21 -4.86
C GLY B 45 -7.91 -14.09 -6.10
N GLN B 46 -7.42 -15.32 -5.90
CA GLN B 46 -7.22 -16.30 -6.97
C GLN B 46 -6.45 -15.73 -8.18
N GLY B 47 -5.31 -15.11 -7.88
CA GLY B 47 -4.44 -14.48 -8.91
C GLY B 47 -4.59 -12.97 -9.05
N LYS B 48 -5.65 -12.41 -8.50
CA LYS B 48 -5.96 -11.01 -8.65
C LYS B 48 -5.02 -10.05 -7.93
N VAL B 49 -4.61 -10.42 -6.73
CA VAL B 49 -3.81 -9.54 -5.88
C VAL B 49 -2.44 -10.13 -5.53
N GLU B 50 -1.41 -9.31 -5.62
CA GLU B 50 -0.06 -9.69 -5.23
CA GLU B 50 -0.05 -9.69 -5.21
C GLU B 50 0.63 -8.53 -4.54
N SER B 51 1.41 -8.82 -3.51
CA SER B 51 2.12 -7.78 -2.78
C SER B 51 3.46 -8.32 -2.33
N GLY B 52 4.40 -7.42 -2.19
CA GLY B 52 5.76 -7.78 -1.79
C GLY B 52 6.69 -6.57 -1.79
N VAL B 53 7.98 -6.88 -1.94
CA VAL B 53 9.07 -5.89 -1.91
C VAL B 53 9.87 -6.01 -3.21
N TRP B 54 10.24 -4.87 -3.76
CA TRP B 54 10.96 -4.80 -5.03
C TRP B 54 12.07 -3.79 -4.93
N GLU B 55 13.17 -4.07 -5.60
CA GLU B 55 14.37 -3.23 -5.61
CA GLU B 55 14.25 -3.10 -5.66
C GLU B 55 14.85 -3.05 -7.06
N SER B 56 15.42 -1.90 -7.36
CA SER B 56 16.11 -1.67 -8.61
C SER B 56 17.45 -0.95 -8.34
N THR B 57 18.47 -1.38 -9.08
CA THR B 57 19.74 -0.68 -9.15
C THR B 57 19.59 0.52 -10.10
N SER B 58 20.67 1.27 -10.31
CA SER B 58 20.61 2.47 -11.15
C SER B 58 20.21 2.19 -12.58
N GLY B 59 19.53 3.16 -13.18
CA GLY B 59 19.11 3.05 -14.57
C GLY B 59 17.74 3.64 -14.75
N SER B 60 17.25 3.51 -15.96
CA SER B 60 15.96 3.99 -16.35
C SER B 60 15.22 2.98 -17.24
N PHE B 61 13.90 3.05 -17.18
CA PHE B 61 13.05 2.07 -17.88
C PHE B 61 11.63 2.59 -17.92
N GLN B 62 10.88 2.18 -18.95
CA GLN B 62 9.53 2.60 -19.11
C GLN B 62 8.54 1.58 -18.55
N SER B 63 7.58 2.06 -17.79
CA SER B 63 6.52 1.23 -17.25
C SER B 63 5.39 1.00 -18.30
N ASN B 64 4.63 -0.03 -18.05
CA ASN B 64 3.39 -0.26 -18.79
C ASN B 64 2.46 -1.08 -17.89
N THR B 65 1.55 -0.39 -17.20
CA THR B 65 0.64 -1.10 -16.27
C THR B 65 -0.73 -1.45 -16.86
N THR B 66 -0.79 -1.62 -18.18
CA THR B 66 -2.01 -2.09 -18.81
C THR B 66 -2.47 -3.38 -18.09
N GLY B 67 -3.74 -3.39 -17.68
CA GLY B 67 -4.37 -4.55 -17.01
C GLY B 67 -4.35 -4.59 -15.49
N TYR B 68 -3.65 -3.64 -14.85
CA TYR B 68 -3.59 -3.63 -13.39
C TYR B 68 -3.36 -2.26 -12.80
N ILE B 69 -3.68 -2.14 -11.51
CA ILE B 69 -3.42 -0.94 -10.73
C ILE B 69 -2.33 -1.32 -9.71
N GLU B 70 -1.29 -0.48 -9.59
CA GLU B 70 -0.19 -0.75 -8.66
C GLU B 70 0.04 0.39 -7.67
N TYR B 71 -0.07 0.06 -6.40
CA TYR B 71 0.35 0.91 -5.30
C TYR B 71 1.85 0.67 -5.04
N CYS B 72 2.61 1.76 -4.84
CA CYS B 72 4.04 1.69 -4.52
C CYS B 72 4.29 2.52 -3.27
N HIS B 73 5.13 2.02 -2.36
CA HIS B 73 5.54 2.74 -1.18
C HIS B 73 7.06 2.65 -1.12
N ILE B 74 7.73 3.77 -1.36
CA ILE B 74 9.20 3.80 -1.32
C ILE B 74 9.62 3.62 0.10
N ILE B 75 10.47 2.62 0.30
CA ILE B 75 11.00 2.33 1.66
C ILE B 75 12.48 2.68 1.85
N GLU B 76 13.26 2.71 0.77
CA GLU B 76 14.65 3.06 0.84
C GLU B 76 15.07 3.64 -0.51
N GLY B 77 16.03 4.56 -0.45
CA GLY B 77 16.57 5.18 -1.64
C GLY B 77 15.58 6.16 -2.28
N GLU B 78 15.76 6.37 -3.57
CA GLU B 78 14.99 7.36 -4.24
C GLU B 78 14.91 7.13 -5.74
N ALA B 79 13.92 7.77 -6.36
CA ALA B 79 13.78 7.69 -7.80
C ALA B 79 12.98 8.90 -8.26
N ARG B 80 12.92 9.02 -9.59
CA ARG B 80 11.97 9.89 -10.24
C ARG B 80 11.04 9.06 -11.13
N LEU B 81 9.74 9.38 -11.09
N LEU B 81 9.74 9.37 -11.07
CA LEU B 81 8.79 8.87 -12.06
CA LEU B 81 8.75 8.88 -12.01
C LEU B 81 8.37 10.02 -12.93
C LEU B 81 8.52 10.07 -12.93
N VAL B 82 8.52 9.83 -14.25
CA VAL B 82 8.23 10.89 -15.22
C VAL B 82 7.04 10.45 -16.06
N ASP B 83 5.97 11.24 -15.97
CA ASP B 83 4.73 10.93 -16.71
C ASP B 83 4.95 11.16 -18.21
N PRO B 84 4.08 10.55 -19.06
CA PRO B 84 4.19 10.76 -20.51
C PRO B 84 4.34 12.21 -20.98
N ASP B 85 3.67 13.15 -20.33
CA ASP B 85 3.79 14.59 -20.65
C ASP B 85 5.04 15.34 -20.10
N GLY B 86 5.93 14.61 -19.42
CA GLY B 86 7.15 15.19 -18.86
C GLY B 86 7.03 15.60 -17.41
N THR B 87 5.86 15.43 -16.79
CA THR B 87 5.69 15.81 -15.38
C THR B 87 6.57 14.91 -14.51
N VAL B 88 7.46 15.53 -13.73
CA VAL B 88 8.44 14.79 -12.93
C VAL B 88 7.94 14.64 -11.50
N HIS B 89 7.98 13.40 -10.99
CA HIS B 89 7.62 13.12 -9.61
C HIS B 89 8.84 12.56 -8.88
N ALA B 90 9.41 13.36 -7.99
CA ALA B 90 10.56 12.90 -7.19
C ALA B 90 10.04 12.11 -6.01
N VAL B 91 10.51 10.87 -5.85
CA VAL B 91 10.02 9.99 -4.80
C VAL B 91 11.18 9.50 -3.94
N LYS B 92 10.95 9.48 -2.63
CA LYS B 92 11.94 9.10 -1.67
C LYS B 92 11.30 8.34 -0.57
N ALA B 93 12.14 7.85 0.36
CA ALA B 93 11.65 7.01 1.41
C ALA B 93 10.45 7.65 2.13
N GLY B 94 9.37 6.87 2.25
CA GLY B 94 8.16 7.28 2.90
C GLY B 94 7.05 7.72 1.95
N ASP B 95 7.39 8.01 0.70
CA ASP B 95 6.41 8.45 -0.31
C ASP B 95 5.62 7.26 -0.89
N ALA B 96 4.30 7.45 -0.97
CA ALA B 96 3.35 6.49 -1.52
C ALA B 96 2.67 7.07 -2.77
N PHE B 97 2.46 6.22 -3.75
CA PHE B 97 1.82 6.62 -4.98
C PHE B 97 1.19 5.41 -5.66
N ILE B 98 0.29 5.74 -6.60
CA ILE B 98 -0.39 4.77 -7.39
C ILE B 98 -0.18 5.01 -8.88
N MSE B 99 0.26 3.95 -9.56
CA MSE B 99 0.29 3.97 -11.03
C MSE B 99 -1.11 3.50 -11.48
O MSE B 99 -1.46 2.34 -11.18
CB MSE B 99 1.36 3.08 -11.58
CG MSE B 99 2.75 3.62 -11.29
SE MSE B 99 4.19 2.56 -12.13
CE MSE B 99 4.03 0.97 -11.00
N PRO B 100 -1.92 4.38 -12.12
CA PRO B 100 -3.24 3.92 -12.58
C PRO B 100 -3.12 2.85 -13.64
N GLU B 101 -4.23 2.21 -13.95
CA GLU B 101 -4.22 1.19 -15.00
C GLU B 101 -3.81 1.86 -16.31
N GLY B 102 -2.97 1.17 -17.08
CA GLY B 102 -2.48 1.68 -18.35
C GLY B 102 -1.45 2.81 -18.30
N TYR B 103 -0.79 2.96 -17.15
CA TYR B 103 0.27 3.98 -16.95
C TYR B 103 1.53 3.57 -17.73
N THR B 104 2.08 4.53 -18.48
CA THR B 104 3.27 4.33 -19.32
C THR B 104 4.38 5.40 -19.09
N GLY B 105 4.43 5.99 -17.90
CA GLY B 105 5.56 6.84 -17.53
C GLY B 105 6.85 5.99 -17.33
N ARG B 106 7.95 6.64 -16.99
CA ARG B 106 9.20 5.94 -16.79
C ARG B 106 9.76 6.19 -15.42
N TRP B 107 10.65 5.30 -15.03
CA TRP B 107 11.42 5.39 -13.80
C TRP B 107 12.85 5.84 -14.14
N GLU B 108 13.41 6.77 -13.35
CA GLU B 108 14.84 7.15 -13.42
C GLU B 108 15.40 6.89 -11.99
N VAL B 109 16.31 5.92 -11.89
CA VAL B 109 16.92 5.54 -10.60
C VAL B 109 18.39 5.94 -10.62
N ASP B 110 18.73 7.05 -9.95
CA ASP B 110 20.12 7.50 -9.97
C ASP B 110 21.08 6.56 -9.28
N ARG B 111 20.61 5.91 -8.21
CA ARG B 111 21.49 5.08 -7.41
C ARG B 111 20.90 3.72 -7.06
N HIS B 112 19.81 3.73 -6.32
CA HIS B 112 19.18 2.49 -5.84
CA HIS B 112 19.19 2.50 -5.81
C HIS B 112 17.84 2.85 -5.20
N VAL B 113 16.86 2.00 -5.37
CA VAL B 113 15.55 2.23 -4.77
C VAL B 113 14.90 0.90 -4.38
N LYS B 114 14.13 0.94 -3.29
CA LYS B 114 13.37 -0.22 -2.79
CA LYS B 114 13.37 -0.21 -2.78
C LYS B 114 11.98 0.26 -2.43
N LYS B 115 10.99 -0.58 -2.73
CA LYS B 115 9.62 -0.26 -2.45
C LYS B 115 8.82 -1.48 -2.06
N ILE B 116 7.73 -1.21 -1.36
CA ILE B 116 6.66 -2.18 -1.18
C ILE B 116 5.70 -1.96 -2.37
N TYR B 117 5.20 -3.04 -2.97
CA TYR B 117 4.21 -2.93 -4.03
C TYR B 117 2.93 -3.70 -3.62
N PHE B 118 1.78 -3.26 -4.11
CA PHE B 118 0.51 -3.96 -3.94
C PHE B 118 -0.18 -3.78 -5.28
N VAL B 119 -0.40 -4.87 -5.99
CA VAL B 119 -0.97 -4.90 -7.33
C VAL B 119 -2.32 -5.61 -7.33
N THR B 120 -3.28 -4.99 -8.03
CA THR B 120 -4.59 -5.58 -8.20
CA THR B 120 -4.62 -5.53 -8.21
C THR B 120 -4.86 -5.59 -9.70
N HIS B 121 -5.03 -6.81 -10.23
CA HIS B 121 -5.29 -7.02 -11.65
C HIS B 121 -6.75 -6.80 -11.97
N LEU B 122 -7.00 -6.18 -13.11
CA LEU B 122 -8.36 -5.82 -13.56
C LEU B 122 -9.00 -6.85 -14.54
C ACT C . -11.32 -1.62 10.46
O ACT C . -10.53 -0.70 10.74
OXT ACT C . -10.88 -2.53 9.70
CH3 ACT C . -12.72 -1.65 11.01
C1 EDO D . -2.60 14.77 -4.26
O1 EDO D . -1.38 14.40 -3.60
C2 EDO D . -3.58 15.56 -3.38
O2 EDO D . -2.95 16.36 -2.36
C1 EDO E . -17.19 11.83 14.70
O1 EDO E . -16.62 10.68 14.05
C2 EDO E . -16.36 12.35 15.88
O2 EDO E . -16.31 13.77 15.85
C1 EDO F . -6.76 -1.53 25.08
O1 EDO F . -6.41 -2.89 24.83
C2 EDO F . -7.70 -1.01 23.99
O2 EDO F . -7.26 0.31 23.58
C1 EDO G . -14.91 -1.02 3.59
O1 EDO G . -15.52 -1.58 2.43
C2 EDO G . -13.42 -0.87 3.31
O2 EDO G . -13.20 0.34 2.59
C1 EDO H . -10.77 9.65 -5.75
O1 EDO H . -10.98 10.05 -7.11
C2 EDO H . -10.32 10.79 -4.86
O2 EDO H . -9.87 11.90 -5.65
C1 EDO I . 2.57 19.57 -15.21
O1 EDO I . 1.94 18.46 -14.56
C2 EDO I . 4.00 19.74 -14.73
O2 EDO I . 4.03 19.83 -13.29
C1 EDO J . 5.86 -5.09 -9.36
O1 EDO J . 6.33 -6.45 -9.24
C2 EDO J . 7.05 -4.17 -9.16
O2 EDO J . 6.81 -2.86 -9.70
C1 EDO K . 2.28 -6.82 -12.70
O1 EDO K . 2.10 -8.24 -12.83
C2 EDO K . 3.36 -6.53 -11.66
O2 EDO K . 3.11 -7.30 -10.48
C1 PEG L . 18.11 9.93 -15.38
O1 PEG L . 19.11 10.85 -15.84
C2 PEG L . 18.29 8.48 -15.81
O2 PEG L . 18.47 7.53 -14.74
C3 PEG L . 19.63 7.47 -13.88
C4 PEG L . 20.73 8.51 -14.12
O4 PEG L . 21.87 8.30 -13.30
#